data_5KRH
#
_entry.id   5KRH
#
_cell.length_a   55.530
_cell.length_b   81.903
_cell.length_c   58.665
_cell.angle_alpha   90.00
_cell.angle_beta   110.67
_cell.angle_gamma   90.00
#
_symmetry.space_group_name_H-M   'P 1 21 1'
#
loop_
_entity.id
_entity.type
_entity.pdbx_description
1 polymer 'Estrogen receptor'
2 polymer NCOA2
3 non-polymer '(8~{R},9~{S},13~{S},14~{S},16~{E})-13-methyl-3-oxidanyl-16-(phenylmethylidene)-6,7,8,9,11,12,14,15-octahydrocyclopenta[ a]phenanthren-17-one'
4 water water
#
loop_
_entity_poly.entity_id
_entity_poly.type
_entity_poly.pdbx_seq_one_letter_code
_entity_poly.pdbx_strand_id
1 'polypeptide(L)'
;IKRSKKNSLALSLTADQMVSALLDAEPPILYSEYDPTRPFSEASMMGLLTNLADRELVHMINWAKRVPGFVDLTLHDQVH
LLECAWLEILMIGLVWRSMEHPGKLLFAPNLLLDRNQGKCVEGMVEIFDMLLATSSRFRMMNLQGEEFVCLKSIILLNSG
VYTFLSSTLKSLEEKDHIHRVLDKITDTLIHLMAKAGLTLQQQHQRLAQLLLILSHIRHMSNKGMEHLYSMKCKNVVPLS
DLLLEMLDAHRLHAPTS
;
A,B
2 'polypeptide(L)' KHKILHRLLQDSSS C,D
#
# COMPACT_ATOMS: atom_id res chain seq x y z
N SER A 8 7.37 -26.45 -10.27
CA SER A 8 6.24 -25.98 -9.47
C SER A 8 4.93 -26.15 -10.21
N LEU A 9 3.97 -26.82 -9.56
CA LEU A 9 2.69 -27.14 -10.17
C LEU A 9 1.88 -25.90 -10.52
N ALA A 10 2.04 -24.85 -9.73
CA ALA A 10 1.25 -23.62 -9.87
C ALA A 10 1.29 -23.01 -11.27
N LEU A 11 2.48 -22.94 -11.85
CA LEU A 11 2.66 -22.25 -13.12
C LEU A 11 2.06 -23.02 -14.29
N SER A 12 1.80 -24.30 -14.08
CA SER A 12 1.27 -25.16 -15.14
C SER A 12 -0.25 -25.20 -15.12
N LEU A 13 -0.84 -24.50 -14.16
CA LEU A 13 -2.30 -24.42 -14.06
C LEU A 13 -2.87 -23.49 -15.12
N THR A 14 -4.05 -23.84 -15.65
CA THR A 14 -4.76 -22.90 -16.50
C THR A 14 -5.48 -21.90 -15.61
N ALA A 15 -6.03 -20.85 -16.21
CA ALA A 15 -6.71 -19.81 -15.46
C ALA A 15 -7.93 -20.36 -14.69
N ASP A 16 -8.74 -21.16 -15.38
CA ASP A 16 -9.89 -21.81 -14.76
C ASP A 16 -9.44 -22.72 -13.62
N GLN A 17 -8.35 -23.45 -13.85
CA GLN A 17 -7.79 -24.33 -12.83
C GLN A 17 -7.27 -23.54 -11.64
N MET A 18 -6.76 -22.34 -11.90
CA MET A 18 -6.28 -21.47 -10.84
C MET A 18 -7.43 -20.99 -9.97
N VAL A 19 -8.48 -20.49 -10.62
CA VAL A 19 -9.70 -20.04 -9.94
C VAL A 19 -10.32 -21.14 -9.07
N SER A 20 -10.58 -22.29 -9.68
CA SER A 20 -11.22 -23.41 -8.99
C SER A 20 -10.42 -23.82 -7.76
N ALA A 21 -9.10 -23.83 -7.89
CA ALA A 21 -8.24 -24.21 -6.78
C ALA A 21 -8.30 -23.20 -5.65
N LEU A 22 -8.52 -21.93 -6.00
CA LEU A 22 -8.59 -20.85 -5.00
C LEU A 22 -9.95 -20.78 -4.32
N LEU A 23 -11.02 -20.98 -5.07
CA LEU A 23 -12.37 -21.01 -4.51
C LEU A 23 -12.53 -22.16 -3.54
N ASP A 24 -11.94 -23.30 -3.87
CA ASP A 24 -12.04 -24.51 -3.06
C ASP A 24 -11.32 -24.32 -1.73
N ALA A 25 -10.27 -23.51 -1.75
CA ALA A 25 -9.43 -23.29 -0.58
C ALA A 25 -10.01 -22.25 0.36
N GLU A 26 -11.14 -21.65 -0.02
CA GLU A 26 -11.77 -20.60 0.76
C GLU A 26 -12.04 -21.05 2.19
N PRO A 27 -11.52 -20.29 3.16
CA PRO A 27 -11.82 -20.58 4.57
C PRO A 27 -13.29 -20.32 4.87
N PRO A 28 -13.82 -20.97 5.91
CA PRO A 28 -15.22 -20.75 6.28
C PRO A 28 -15.46 -19.43 7.00
N ILE A 29 -16.70 -18.96 6.99
CA ILE A 29 -17.08 -17.81 7.80
C ILE A 29 -17.36 -18.20 9.25
N LEU A 30 -16.51 -17.77 10.17
CA LEU A 30 -16.65 -18.14 11.57
C LEU A 30 -17.67 -17.23 12.26
N TYR A 31 -18.18 -17.70 13.39
CA TYR A 31 -19.15 -16.94 14.19
C TYR A 31 -18.48 -16.35 15.42
N SER A 32 -19.01 -15.21 15.86
CA SER A 32 -18.59 -14.63 17.13
C SER A 32 -19.26 -15.35 18.29
N GLU A 33 -18.79 -15.09 19.51
CA GLU A 33 -19.46 -15.60 20.70
C GLU A 33 -20.87 -15.00 20.78
N TYR A 34 -21.80 -15.71 21.38
CA TYR A 34 -23.18 -15.22 21.45
C TYR A 34 -23.46 -14.44 22.74
N ASP A 35 -24.74 -14.15 22.96
CA ASP A 35 -25.23 -13.18 23.95
C ASP A 35 -24.94 -11.76 23.47
N ARG A 38 -23.89 -6.95 24.50
CA ARG A 38 -25.21 -6.66 23.93
C ARG A 38 -25.27 -5.22 23.39
N PRO A 39 -25.23 -4.19 24.29
CA PRO A 39 -24.42 -3.09 23.78
C PRO A 39 -22.96 -3.39 24.15
N PHE A 40 -22.01 -2.87 23.39
CA PHE A 40 -20.65 -3.31 23.58
C PHE A 40 -19.79 -2.43 24.48
N SER A 41 -19.12 -3.08 25.41
CA SER A 41 -18.35 -2.38 26.41
C SER A 41 -17.26 -1.58 25.76
N GLU A 42 -16.57 -2.17 24.80
CA GLU A 42 -15.25 -1.69 24.39
C GLU A 42 -14.07 -2.08 25.23
N ALA A 43 -14.23 -3.03 26.12
CA ALA A 43 -13.33 -4.14 26.13
C ALA A 43 -14.03 -5.43 25.83
N SER A 44 -15.34 -5.41 25.88
CA SER A 44 -16.13 -6.53 25.42
C SER A 44 -15.98 -6.73 23.93
N MET A 45 -15.93 -5.64 23.22
CA MET A 45 -15.86 -5.66 21.76
C MET A 45 -14.49 -6.06 21.28
N MET A 46 -13.44 -5.57 21.95
CA MET A 46 -12.09 -5.93 21.58
C MET A 46 -11.84 -7.40 21.87
N GLY A 47 -12.50 -7.91 22.90
CA GLY A 47 -12.41 -9.32 23.22
C GLY A 47 -12.97 -10.16 22.08
N LEU A 48 -14.21 -9.86 21.70
CA LEU A 48 -14.88 -10.57 20.62
C LEU A 48 -14.06 -10.57 19.34
N LEU A 49 -13.61 -9.37 18.92
CA LEU A 49 -12.83 -9.23 17.70
C LEU A 49 -11.53 -10.03 17.72
N THR A 50 -10.74 -9.84 18.77
CA THR A 50 -9.45 -10.53 18.87
C THR A 50 -9.66 -12.05 18.92
N ASN A 51 -10.69 -12.49 19.63
CA ASN A 51 -11.02 -13.91 19.68
C ASN A 51 -11.38 -14.43 18.30
N LEU A 52 -12.12 -13.63 17.55
CA LEU A 52 -12.51 -13.98 16.19
C LEU A 52 -11.28 -14.01 15.27
N ALA A 53 -10.41 -13.02 15.43
CA ALA A 53 -9.21 -12.94 14.59
C ALA A 53 -8.31 -14.13 14.86
N ASP A 54 -8.27 -14.59 16.10
CA ASP A 54 -7.39 -15.69 16.48
C ASP A 54 -7.85 -17.01 15.88
N ARG A 55 -9.16 -17.23 15.88
CA ARG A 55 -9.68 -18.46 15.30
C ARG A 55 -9.59 -18.45 13.77
N GLU A 56 -9.79 -17.28 13.17
CA GLU A 56 -9.63 -17.11 11.73
C GLU A 56 -8.19 -17.35 11.25
N LEU A 57 -7.22 -16.94 12.07
CA LEU A 57 -5.81 -17.12 11.74
C LEU A 57 -5.47 -18.58 11.48
N VAL A 58 -6.12 -19.46 12.23
CA VAL A 58 -5.88 -20.88 12.09
C VAL A 58 -6.34 -21.39 10.72
N HIS A 59 -7.50 -20.91 10.27
CA HIS A 59 -8.03 -21.27 8.96
C HIS A 59 -7.25 -20.58 7.84
N MET A 60 -6.74 -19.39 8.12
CA MET A 60 -5.97 -18.65 7.12
C MET A 60 -4.70 -19.42 6.77
N ILE A 61 -4.08 -20.02 7.79
CA ILE A 61 -2.85 -20.79 7.59
C ILE A 61 -3.10 -22.04 6.77
N ASN A 62 -4.31 -22.59 6.85
CA ASN A 62 -4.65 -23.75 6.02
C ASN A 62 -5.13 -23.32 4.64
N TRP A 63 -5.64 -22.10 4.52
CA TRP A 63 -5.95 -21.56 3.21
C TRP A 63 -4.67 -21.25 2.46
N ALA A 64 -3.73 -20.63 3.17
CA ALA A 64 -2.45 -20.23 2.59
C ALA A 64 -1.71 -21.41 1.97
N LYS A 65 -1.74 -22.56 2.65
CA LYS A 65 -1.07 -23.76 2.15
C LYS A 65 -1.73 -24.29 0.88
N ARG A 66 -2.97 -23.90 0.65
CA ARG A 66 -3.72 -24.32 -0.53
C ARG A 66 -3.63 -23.33 -1.70
N VAL A 67 -3.00 -22.18 -1.47
CA VAL A 67 -2.76 -21.22 -2.54
C VAL A 67 -1.63 -21.71 -3.44
N PRO A 68 -1.93 -21.95 -4.72
CA PRO A 68 -0.97 -22.51 -5.69
C PRO A 68 0.39 -21.81 -5.65
N GLY A 69 1.45 -22.57 -5.43
CA GLY A 69 2.79 -22.03 -5.39
C GLY A 69 3.30 -21.69 -4.00
N PHE A 70 2.39 -21.61 -3.03
CA PHE A 70 2.78 -21.26 -1.66
C PHE A 70 3.49 -22.42 -0.97
N VAL A 71 3.08 -23.65 -1.28
CA VAL A 71 3.70 -24.83 -0.69
C VAL A 71 5.13 -25.02 -1.22
N ASP A 72 5.41 -24.45 -2.38
CA ASP A 72 6.72 -24.59 -3.02
C ASP A 72 7.77 -23.71 -2.35
N LEU A 73 7.37 -22.99 -1.31
CA LEU A 73 8.27 -22.09 -0.60
C LEU A 73 8.90 -22.77 0.61
N THR A 74 10.07 -22.29 1.01
CA THR A 74 10.68 -22.67 2.27
C THR A 74 9.72 -22.29 3.42
N LEU A 75 9.70 -23.12 4.47
CA LEU A 75 8.89 -22.85 5.65
C LEU A 75 9.10 -21.42 6.17
N HIS A 76 10.35 -20.98 6.21
CA HIS A 76 10.69 -19.63 6.65
C HIS A 76 10.08 -18.54 5.76
N ASP A 77 10.02 -18.78 4.46
CA ASP A 77 9.39 -17.85 3.52
C ASP A 77 7.87 -17.84 3.68
N GLN A 78 7.30 -18.99 4.04
CA GLN A 78 5.87 -19.07 4.29
C GLN A 78 5.52 -18.28 5.55
N VAL A 79 6.33 -18.47 6.59
CA VAL A 79 6.19 -17.74 7.85
C VAL A 79 6.25 -16.24 7.62
N HIS A 80 7.20 -15.81 6.80
CA HIS A 80 7.41 -14.39 6.57
C HIS A 80 6.21 -13.76 5.85
N LEU A 81 5.72 -14.42 4.81
CA LEU A 81 4.61 -13.90 4.03
C LEU A 81 3.33 -13.79 4.86
N LEU A 82 3.05 -14.82 5.66
CA LEU A 82 1.86 -14.83 6.51
C LEU A 82 1.97 -13.79 7.61
N GLU A 83 3.14 -13.68 8.23
CA GLU A 83 3.40 -12.68 9.27
C GLU A 83 3.24 -11.26 8.76
N CYS A 84 3.64 -11.06 7.50
CA CYS A 84 3.56 -9.75 6.87
C CYS A 84 2.14 -9.36 6.46
N ALA A 85 1.36 -10.34 6.02
CA ALA A 85 0.10 -10.07 5.34
C ALA A 85 -1.16 -10.45 6.11
N TRP A 86 -1.01 -11.04 7.29
CA TRP A 86 -2.17 -11.67 7.95
C TRP A 86 -3.28 -10.67 8.29
N LEU A 87 -2.91 -9.45 8.65
CA LEU A 87 -3.94 -8.45 8.95
C LEU A 87 -4.59 -7.93 7.67
N GLU A 88 -3.78 -7.73 6.63
CA GLU A 88 -4.34 -7.36 5.33
C GLU A 88 -5.35 -8.41 4.85
N ILE A 89 -4.99 -9.67 5.02
CA ILE A 89 -5.81 -10.76 4.54
C ILE A 89 -7.13 -10.83 5.32
N LEU A 90 -7.07 -10.63 6.63
CA LEU A 90 -8.30 -10.57 7.43
C LEU A 90 -9.18 -9.42 6.96
N MET A 91 -8.56 -8.27 6.70
CA MET A 91 -9.28 -7.05 6.35
C MET A 91 -10.01 -7.17 5.03
N ILE A 92 -9.33 -7.70 4.01
CA ILE A 92 -9.97 -7.85 2.71
C ILE A 92 -11.07 -8.91 2.80
N GLY A 93 -10.94 -9.85 3.73
CA GLY A 93 -12.00 -10.81 3.98
C GLY A 93 -13.21 -10.09 4.58
N LEU A 94 -12.96 -9.31 5.64
CA LEU A 94 -13.99 -8.50 6.28
C LEU A 94 -14.68 -7.55 5.29
N VAL A 95 -13.88 -6.85 4.50
CA VAL A 95 -14.41 -5.93 3.51
C VAL A 95 -15.29 -6.66 2.50
N TRP A 96 -14.84 -7.83 2.08
CA TRP A 96 -15.55 -8.65 1.09
C TRP A 96 -16.94 -9.07 1.56
N ARG A 97 -17.03 -9.62 2.76
CA ARG A 97 -18.31 -10.12 3.22
C ARG A 97 -19.17 -9.00 3.81
N SER A 98 -18.66 -7.78 3.76
CA SER A 98 -19.44 -6.60 4.18
C SER A 98 -20.07 -5.89 2.99
N MET A 99 -19.73 -6.33 1.78
CA MET A 99 -20.19 -5.68 0.55
C MET A 99 -21.69 -5.47 0.51
N GLU A 100 -22.43 -6.56 0.72
CA GLU A 100 -23.88 -6.51 0.63
C GLU A 100 -24.51 -5.95 1.90
N HIS A 101 -23.69 -5.39 2.77
CA HIS A 101 -24.19 -4.72 3.97
C HIS A 101 -23.66 -3.30 4.08
N PRO A 102 -24.11 -2.38 3.19
CA PRO A 102 -23.62 -1.00 3.19
C PRO A 102 -23.77 -0.32 4.54
N GLY A 103 -22.72 0.38 4.98
CA GLY A 103 -22.74 1.05 6.26
C GLY A 103 -22.40 0.10 7.40
N LYS A 104 -22.33 -1.19 7.09
CA LYS A 104 -22.10 -2.21 8.11
C LYS A 104 -20.86 -3.04 7.85
N LEU A 105 -20.18 -3.43 8.92
CA LEU A 105 -19.06 -4.34 8.83
C LEU A 105 -19.46 -5.72 9.36
N LEU A 106 -19.50 -6.70 8.46
CA LEU A 106 -19.85 -8.08 8.81
C LEU A 106 -18.63 -8.84 9.31
N PHE A 107 -18.26 -8.63 10.57
CA PHE A 107 -17.17 -9.39 11.17
C PHE A 107 -17.55 -10.88 11.23
N ALA A 108 -18.79 -11.13 11.62
CA ALA A 108 -19.40 -12.47 11.61
C ALA A 108 -20.89 -12.31 11.35
N PRO A 109 -21.56 -13.38 10.91
CA PRO A 109 -23.02 -13.34 10.72
C PRO A 109 -23.78 -12.85 11.97
N ASN A 110 -23.23 -13.10 13.15
CA ASN A 110 -23.84 -12.63 14.39
C ASN A 110 -23.04 -11.48 15.00
N LEU A 111 -22.25 -10.82 14.17
CA LEU A 111 -21.47 -9.67 14.61
C LEU A 111 -21.36 -8.65 13.48
N LEU A 112 -22.44 -7.89 13.30
CA LEU A 112 -22.51 -6.87 12.26
C LEU A 112 -22.43 -5.49 12.90
N LEU A 113 -21.35 -4.76 12.64
CA LEU A 113 -21.10 -3.50 13.32
C LEU A 113 -21.22 -2.32 12.37
N ASP A 114 -21.53 -1.14 12.92
CA ASP A 114 -21.55 0.09 12.14
C ASP A 114 -20.53 1.07 12.69
N ARG A 115 -20.34 2.17 11.98
CA ARG A 115 -19.37 3.18 12.37
C ARG A 115 -19.58 3.62 13.81
N ASN A 116 -20.85 3.80 14.17
CA ASN A 116 -21.24 4.23 15.51
C ASN A 116 -20.60 3.40 16.61
N GLN A 117 -20.62 2.09 16.42
CA GLN A 117 -20.10 1.17 17.43
C GLN A 117 -18.58 1.22 17.48
N GLY A 118 -17.97 1.85 16.48
CA GLY A 118 -16.53 2.05 16.47
C GLY A 118 -16.06 2.95 17.60
N LYS A 119 -16.83 3.99 17.89
CA LYS A 119 -16.47 4.98 18.91
C LYS A 119 -16.16 4.38 20.28
N CYS A 120 -16.74 3.21 20.53
CA CYS A 120 -16.46 2.45 21.75
C CYS A 120 -14.95 2.33 21.98
N VAL A 121 -14.21 2.02 20.92
CA VAL A 121 -12.76 1.92 21.02
C VAL A 121 -12.03 3.12 20.41
N GLU A 122 -11.05 3.63 21.14
CA GLU A 122 -10.33 4.84 20.77
C GLU A 122 -9.54 4.66 19.47
N GLY A 123 -9.98 5.36 18.43
CA GLY A 123 -9.32 5.29 17.14
C GLY A 123 -9.77 4.08 16.35
N MET A 124 -11.00 3.64 16.60
CA MET A 124 -11.58 2.52 15.87
C MET A 124 -12.51 3.05 14.79
N VAL A 125 -13.00 4.27 14.99
CA VAL A 125 -13.89 4.91 14.03
C VAL A 125 -13.22 5.17 12.68
N GLU A 126 -11.92 5.48 12.73
CA GLU A 126 -11.19 5.82 11.52
C GLU A 126 -11.03 4.61 10.61
N ILE A 127 -10.66 3.48 11.19
CA ILE A 127 -10.54 2.25 10.40
C ILE A 127 -11.90 1.77 9.95
N PHE A 128 -12.91 1.93 10.81
CA PHE A 128 -14.27 1.59 10.46
C PHE A 128 -14.63 2.33 9.18
N ASP A 129 -14.37 3.62 9.17
CA ASP A 129 -14.65 4.45 8.00
C ASP A 129 -13.87 3.96 6.79
N MET A 130 -12.58 3.70 6.98
CA MET A 130 -11.74 3.24 5.87
C MET A 130 -12.20 1.89 5.36
N LEU A 131 -12.41 0.95 6.27
CA LEU A 131 -12.95 -0.37 5.93
C LEU A 131 -14.29 -0.25 5.19
N LEU A 132 -15.18 0.57 5.72
CA LEU A 132 -16.46 0.82 5.08
C LEU A 132 -16.26 1.43 3.69
N ALA A 133 -15.35 2.38 3.58
CA ALA A 133 -14.99 2.97 2.29
C ALA A 133 -14.54 1.90 1.28
N THR A 134 -13.66 1.00 1.71
CA THR A 134 -13.19 -0.07 0.83
C THR A 134 -14.35 -0.98 0.40
N SER A 135 -15.25 -1.26 1.33
CA SER A 135 -16.38 -2.13 1.05
C SER A 135 -17.29 -1.57 -0.04
N SER A 136 -17.75 -0.33 0.17
CA SER A 136 -18.60 0.33 -0.81
C SER A 136 -17.89 0.46 -2.16
N ARG A 137 -16.58 0.67 -2.11
CA ARG A 137 -15.78 0.76 -3.32
C ARG A 137 -15.85 -0.56 -4.09
N PHE A 138 -15.65 -1.67 -3.38
CA PHE A 138 -15.82 -2.99 -3.96
C PHE A 138 -17.23 -3.16 -4.50
N ARG A 139 -18.21 -2.69 -3.73
CA ARG A 139 -19.62 -2.82 -4.09
C ARG A 139 -19.91 -2.09 -5.39
N MET A 140 -19.49 -0.83 -5.47
CA MET A 140 -19.70 -0.04 -6.67
C MET A 140 -18.84 -0.50 -7.84
N MET A 141 -17.82 -1.31 -7.54
CA MET A 141 -17.01 -1.92 -8.59
C MET A 141 -17.61 -3.25 -9.03
N ASN A 142 -18.59 -3.73 -8.27
CA ASN A 142 -19.21 -5.03 -8.49
C ASN A 142 -18.17 -6.16 -8.50
N LEU A 143 -17.36 -6.20 -7.45
CA LEU A 143 -16.31 -7.20 -7.31
C LEU A 143 -16.87 -8.62 -7.25
N GLN A 144 -16.42 -9.47 -8.17
CA GLN A 144 -16.86 -10.87 -8.20
C GLN A 144 -16.00 -11.71 -7.27
N GLY A 145 -16.59 -12.78 -6.74
CA GLY A 145 -15.89 -13.68 -5.83
C GLY A 145 -14.61 -14.25 -6.41
N GLU A 146 -14.60 -14.47 -7.71
CA GLU A 146 -13.43 -14.99 -8.41
C GLU A 146 -12.30 -13.96 -8.45
N GLU A 147 -12.65 -12.68 -8.50
CA GLU A 147 -11.67 -11.61 -8.50
C GLU A 147 -11.13 -11.42 -7.10
N PHE A 148 -12.00 -11.62 -6.12
CA PHE A 148 -11.65 -11.48 -4.72
C PHE A 148 -10.60 -12.50 -4.28
N VAL A 149 -10.79 -13.77 -4.61
CA VAL A 149 -9.85 -14.81 -4.21
C VAL A 149 -8.49 -14.61 -4.88
N CYS A 150 -8.47 -13.98 -6.06
CA CYS A 150 -7.21 -13.62 -6.69
C CYS A 150 -6.52 -12.50 -5.95
N LEU A 151 -7.30 -11.51 -5.54
CA LEU A 151 -6.76 -10.35 -4.82
C LEU A 151 -6.19 -10.77 -3.48
N LYS A 152 -6.86 -11.69 -2.80
CA LYS A 152 -6.43 -12.14 -1.50
C LYS A 152 -5.14 -12.97 -1.62
N SER A 153 -5.07 -13.81 -2.64
CA SER A 153 -3.84 -14.55 -2.93
C SER A 153 -2.67 -13.61 -3.24
N ILE A 154 -2.95 -12.55 -3.99
CA ILE A 154 -1.92 -11.59 -4.36
C ILE A 154 -1.31 -10.94 -3.12
N ILE A 155 -2.17 -10.52 -2.20
CA ILE A 155 -1.74 -9.94 -0.94
C ILE A 155 -0.77 -10.86 -0.20
N LEU A 156 -1.14 -12.12 -0.08
CA LEU A 156 -0.32 -13.11 0.61
C LEU A 156 1.10 -13.20 0.03
N LEU A 157 1.20 -13.21 -1.29
CA LEU A 157 2.49 -13.41 -1.93
C LEU A 157 3.29 -12.13 -2.07
N ASN A 158 2.60 -11.01 -2.20
CA ASN A 158 3.25 -9.75 -2.54
C ASN A 158 3.74 -8.97 -1.34
N SER A 159 2.93 -8.92 -0.29
CA SER A 159 3.17 -8.01 0.83
C SER A 159 4.52 -8.19 1.50
N GLY A 160 4.98 -9.43 1.63
CA GLY A 160 6.25 -9.67 2.30
C GLY A 160 7.41 -9.96 1.36
N VAL A 161 7.18 -9.84 0.06
CA VAL A 161 8.16 -10.31 -0.92
C VAL A 161 9.43 -9.43 -0.99
N TYR A 162 9.30 -8.11 -0.78
CA TYR A 162 10.48 -7.24 -0.85
C TYR A 162 11.13 -7.09 0.51
N THR A 163 10.82 -8.03 1.40
CA THR A 163 11.43 -8.06 2.73
C THR A 163 12.13 -9.41 2.93
N PHE A 164 12.46 -10.06 1.82
CA PHE A 164 13.21 -11.32 1.84
C PHE A 164 14.72 -11.06 1.83
N ASP A 176 11.23 -14.76 -6.51
CA ASP A 176 11.50 -14.92 -7.92
C ASP A 176 10.54 -15.95 -8.47
N HIS A 177 10.35 -17.00 -7.71
CA HIS A 177 9.23 -17.92 -7.87
C HIS A 177 7.94 -17.19 -7.65
N ILE A 178 7.94 -16.34 -6.63
CA ILE A 178 6.77 -15.62 -6.22
C ILE A 178 6.29 -14.70 -7.33
N HIS A 179 7.22 -14.02 -7.99
CA HIS A 179 6.84 -13.13 -9.06
C HIS A 179 6.26 -13.85 -10.22
N ARG A 180 6.77 -15.03 -10.50
CA ARG A 180 6.23 -15.86 -11.57
C ARG A 180 4.80 -16.26 -11.22
N VAL A 181 4.55 -16.54 -9.95
CA VAL A 181 3.22 -16.91 -9.48
C VAL A 181 2.30 -15.69 -9.51
N LEU A 182 2.86 -14.53 -9.19
CA LEU A 182 2.10 -13.28 -9.19
C LEU A 182 1.59 -12.96 -10.59
N ASP A 183 2.47 -13.12 -11.60
CA ASP A 183 2.09 -12.99 -13.01
C ASP A 183 0.93 -13.93 -13.35
N LYS A 184 1.05 -15.17 -12.89
CA LYS A 184 0.03 -16.20 -13.10
C LYS A 184 -1.33 -15.71 -12.64
N ILE A 185 -1.39 -15.19 -11.43
CA ILE A 185 -2.63 -14.65 -10.88
C ILE A 185 -3.11 -13.43 -11.67
N THR A 186 -2.18 -12.58 -12.10
CA THR A 186 -2.52 -11.45 -12.97
C THR A 186 -3.17 -11.98 -14.24
N ASP A 187 -2.57 -13.00 -14.85
CA ASP A 187 -3.13 -13.64 -16.03
C ASP A 187 -4.56 -14.10 -15.75
N THR A 188 -4.77 -14.67 -14.57
CA THR A 188 -6.07 -15.17 -14.18
C THR A 188 -7.07 -14.02 -14.02
N LEU A 189 -6.67 -12.95 -13.35
CA LEU A 189 -7.52 -11.77 -13.21
C LEU A 189 -7.97 -11.20 -14.55
N ILE A 190 -7.04 -11.06 -15.49
CA ILE A 190 -7.37 -10.57 -16.82
C ILE A 190 -8.30 -11.57 -17.53
N HIS A 191 -8.00 -12.85 -17.37
CA HIS A 191 -8.83 -13.92 -17.93
C HIS A 191 -10.26 -13.85 -17.41
N LEU A 192 -10.41 -13.49 -16.15
CA LEU A 192 -11.74 -13.39 -15.53
C LEU A 192 -12.52 -12.19 -16.05
N MET A 193 -11.82 -11.12 -16.39
CA MET A 193 -12.48 -9.91 -16.88
C MET A 193 -12.87 -10.04 -18.34
N ALA A 194 -12.03 -10.70 -19.13
CA ALA A 194 -12.35 -10.94 -20.53
C ALA A 194 -13.58 -11.83 -20.66
N LYS A 195 -13.69 -12.79 -19.75
CA LYS A 195 -14.83 -13.71 -19.76
C LYS A 195 -16.10 -12.98 -19.34
N ALA A 196 -15.96 -12.02 -18.44
CA ALA A 196 -17.09 -11.21 -18.01
C ALA A 196 -17.55 -10.26 -19.11
N GLY A 197 -16.76 -10.16 -20.18
CA GLY A 197 -17.16 -9.43 -21.37
C GLY A 197 -16.52 -8.07 -21.53
N LEU A 198 -15.67 -7.70 -20.57
CA LEU A 198 -15.04 -6.38 -20.59
C LEU A 198 -14.14 -6.17 -21.81
N THR A 199 -14.19 -4.97 -22.37
CA THR A 199 -13.28 -4.61 -23.46
C THR A 199 -11.85 -4.57 -22.98
N LEU A 200 -10.91 -4.49 -23.92
CA LEU A 200 -9.48 -4.46 -23.61
C LEU A 200 -9.14 -3.30 -22.68
N GLN A 201 -9.60 -2.10 -23.03
CA GLN A 201 -9.37 -0.91 -22.23
C GLN A 201 -9.93 -1.09 -20.82
N GLN A 202 -11.16 -1.59 -20.74
CA GLN A 202 -11.82 -1.81 -19.46
C GLN A 202 -11.09 -2.85 -18.61
N GLN A 203 -10.39 -3.77 -19.27
CA GLN A 203 -9.69 -4.84 -18.58
C GLN A 203 -8.49 -4.34 -17.78
N HIS A 204 -7.65 -3.52 -18.40
CA HIS A 204 -6.45 -3.04 -17.70
C HIS A 204 -6.83 -1.94 -16.72
N GLN A 205 -7.89 -1.20 -17.03
CA GLN A 205 -8.38 -0.19 -16.11
C GLN A 205 -8.88 -0.82 -14.82
N ARG A 206 -9.68 -1.88 -14.94
CA ARG A 206 -10.22 -2.57 -13.78
C ARG A 206 -9.11 -3.26 -12.99
N LEU A 207 -8.17 -3.86 -13.70
CA LEU A 207 -7.00 -4.45 -13.07
C LEU A 207 -6.31 -3.42 -12.19
N ALA A 208 -6.06 -2.24 -12.78
CA ALA A 208 -5.39 -1.14 -12.09
C ALA A 208 -6.16 -0.68 -10.86
N GLN A 209 -7.47 -0.46 -11.02
CA GLN A 209 -8.34 -0.08 -9.92
C GLN A 209 -8.24 -1.06 -8.75
N LEU A 210 -8.31 -2.35 -9.06
CA LEU A 210 -8.24 -3.38 -8.02
C LEU A 210 -6.92 -3.34 -7.28
N LEU A 211 -5.82 -3.27 -8.02
CA LEU A 211 -4.51 -3.35 -7.40
C LEU A 211 -4.19 -2.09 -6.59
N LEU A 212 -4.75 -0.95 -6.97
CA LEU A 212 -4.56 0.28 -6.21
C LEU A 212 -5.25 0.20 -4.85
N ILE A 213 -6.35 -0.52 -4.80
CA ILE A 213 -7.08 -0.73 -3.55
C ILE A 213 -6.20 -1.51 -2.55
N LEU A 214 -5.26 -2.30 -3.08
CA LEU A 214 -4.33 -3.04 -2.23
C LEU A 214 -3.39 -2.13 -1.45
N SER A 215 -3.05 -0.96 -2.02
CA SER A 215 -2.24 0.01 -1.31
C SER A 215 -2.95 0.52 -0.07
N HIS A 216 -4.26 0.71 -0.19
CA HIS A 216 -5.07 1.20 0.93
CA HIS A 216 -5.03 1.20 0.94
C HIS A 216 -5.25 0.12 1.99
N ILE A 217 -5.46 -1.12 1.54
CA ILE A 217 -5.57 -2.23 2.47
C ILE A 217 -4.25 -2.38 3.24
N ARG A 218 -3.13 -2.17 2.55
CA ARG A 218 -1.83 -2.12 3.22
C ARG A 218 -1.81 -1.01 4.26
N HIS A 219 -2.28 0.16 3.87
CA HIS A 219 -2.31 1.33 4.74
C HIS A 219 -3.15 1.02 5.98
N MET A 220 -4.35 0.48 5.77
CA MET A 220 -5.23 0.11 6.88
C MET A 220 -4.58 -0.91 7.81
N SER A 221 -3.84 -1.86 7.25
CA SER A 221 -3.16 -2.86 8.05
C SER A 221 -2.08 -2.25 8.93
N ASN A 222 -1.31 -1.32 8.37
CA ASN A 222 -0.26 -0.65 9.14
C ASN A 222 -0.81 0.17 10.29
N LYS A 223 -1.91 0.89 10.06
CA LYS A 223 -2.60 1.59 11.14
C LYS A 223 -3.13 0.58 12.15
N GLY A 224 -3.54 -0.58 11.64
CA GLY A 224 -4.04 -1.66 12.47
C GLY A 224 -3.03 -2.21 13.45
N MET A 225 -1.81 -2.46 12.98
CA MET A 225 -0.75 -2.99 13.82
C MET A 225 -0.36 -2.01 14.93
N GLU A 226 -0.39 -0.72 14.61
CA GLU A 226 -0.09 0.32 15.59
C GLU A 226 -0.97 0.18 16.82
N HIS A 227 -2.28 0.04 16.59
CA HIS A 227 -3.26 -0.02 17.67
CA HIS A 227 -3.22 -0.01 17.69
C HIS A 227 -3.18 -1.33 18.43
N LEU A 228 -2.74 -2.39 17.74
CA LEU A 228 -2.59 -3.70 18.38
C LEU A 228 -1.46 -3.66 19.39
N TYR A 229 -0.37 -3.00 19.02
CA TYR A 229 0.76 -2.85 19.91
C TYR A 229 0.36 -2.10 21.18
N SER A 230 -0.25 -0.94 21.02
CA SER A 230 -0.64 -0.11 22.16
C SER A 230 -1.73 -0.78 22.98
N MET A 231 -2.47 -1.71 22.34
CA MET A 231 -3.48 -2.48 23.04
C MET A 231 -2.81 -3.60 23.85
N LYS A 232 -1.73 -4.13 23.31
CA LYS A 232 -0.92 -5.13 24.01
C LYS A 232 -0.22 -4.51 25.21
N CYS A 233 0.37 -3.34 24.99
CA CYS A 233 1.09 -2.63 26.05
C CYS A 233 0.19 -2.22 27.21
N LYS A 234 -1.12 -2.15 26.95
CA LYS A 234 -2.08 -1.85 28.01
C LYS A 234 -2.47 -3.11 28.78
N ASN A 235 -2.45 -4.25 28.11
CA ASN A 235 -2.76 -5.55 28.71
C ASN A 235 -4.16 -5.58 29.34
N VAL A 236 -5.08 -4.82 28.77
CA VAL A 236 -6.47 -4.87 29.22
C VAL A 236 -7.22 -5.88 28.37
N VAL A 237 -6.94 -5.87 27.07
CA VAL A 237 -7.54 -6.83 26.16
C VAL A 237 -6.68 -8.08 26.04
N PRO A 238 -7.26 -9.24 26.34
CA PRO A 238 -6.53 -10.52 26.23
C PRO A 238 -6.16 -10.86 24.79
N LEU A 239 -4.89 -11.10 24.55
CA LEU A 239 -4.42 -11.50 23.24
C LEU A 239 -3.80 -12.89 23.31
N SER A 240 -4.11 -13.73 22.33
CA SER A 240 -3.55 -15.08 22.29
C SER A 240 -2.06 -14.99 21.98
N ASP A 241 -1.31 -16.00 22.42
CA ASP A 241 0.12 -16.06 22.15
C ASP A 241 0.40 -16.01 20.66
N LEU A 242 -0.42 -16.73 19.90
CA LEU A 242 -0.33 -16.73 18.44
C LEU A 242 -0.46 -15.32 17.88
N LEU A 243 -1.49 -14.61 18.30
CA LEU A 243 -1.72 -13.23 17.88
C LEU A 243 -0.53 -12.36 18.30
N LEU A 244 -0.05 -12.57 19.52
CA LEU A 244 1.09 -11.83 20.05
C LEU A 244 2.34 -12.06 19.22
N GLU A 245 2.58 -13.30 18.83
CA GLU A 245 3.75 -13.64 18.01
C GLU A 245 3.63 -13.05 16.61
N MET A 246 2.41 -12.98 16.08
CA MET A 246 2.19 -12.34 14.79
C MET A 246 2.47 -10.84 14.93
N LEU A 247 2.02 -10.27 16.04
CA LEU A 247 2.24 -8.86 16.35
C LEU A 247 3.73 -8.56 16.51
N ASP A 248 4.43 -9.43 17.24
CA ASP A 248 5.86 -9.29 17.46
C ASP A 248 6.65 -9.25 16.16
N ALA A 249 6.16 -9.98 15.15
CA ALA A 249 6.86 -10.08 13.87
C ALA A 249 6.95 -8.73 13.16
N HIS A 250 6.03 -7.83 13.47
CA HIS A 250 6.04 -6.51 12.86
C HIS A 250 6.91 -5.52 13.65
N ARG A 251 7.66 -6.05 14.61
CA ARG A 251 8.53 -5.21 15.42
C ARG A 251 9.91 -5.84 15.58
N SER B 8 -11.98 20.98 -18.79
CA SER B 8 -11.46 20.05 -17.79
C SER B 8 -10.35 19.20 -18.40
N LEU B 9 -9.35 19.89 -18.94
CA LEU B 9 -8.28 19.34 -19.79
C LEU B 9 -7.87 17.87 -19.61
N ALA B 10 -7.54 17.49 -18.38
CA ALA B 10 -6.88 16.20 -18.09
C ALA B 10 -7.45 15.01 -18.84
N LEU B 11 -8.76 15.01 -19.07
CA LEU B 11 -9.43 13.88 -19.71
C LEU B 11 -9.35 13.94 -21.23
N SER B 12 -8.85 15.05 -21.75
CA SER B 12 -8.79 15.29 -23.19
C SER B 12 -7.40 15.01 -23.75
N LEU B 13 -6.43 14.82 -22.87
CA LEU B 13 -5.05 14.59 -23.29
C LEU B 13 -4.87 13.21 -23.92
N THR B 14 -4.19 13.17 -25.06
CA THR B 14 -3.73 11.89 -25.60
C THR B 14 -2.68 11.34 -24.66
N ALA B 15 -2.36 10.05 -24.81
CA ALA B 15 -1.38 9.41 -23.95
C ALA B 15 0.00 10.09 -24.05
N ASP B 16 0.41 10.43 -25.26
CA ASP B 16 1.72 11.04 -25.47
C ASP B 16 1.77 12.45 -24.86
N GLN B 17 0.68 13.19 -25.00
CA GLN B 17 0.59 14.53 -24.41
C GLN B 17 0.60 14.43 -22.90
N MET B 18 -0.02 13.38 -22.37
CA MET B 18 0.04 13.11 -20.94
C MET B 18 1.49 12.95 -20.49
N VAL B 19 2.23 12.10 -21.18
CA VAL B 19 3.63 11.83 -20.84
C VAL B 19 4.49 13.10 -20.88
N SER B 20 4.48 13.77 -22.03
CA SER B 20 5.28 14.97 -22.21
C SER B 20 4.94 16.01 -21.14
N ALA B 21 3.66 16.17 -20.86
CA ALA B 21 3.21 17.08 -19.80
C ALA B 21 3.85 16.70 -18.47
N LEU B 22 3.78 15.41 -18.12
CA LEU B 22 4.36 14.93 -16.88
C LEU B 22 5.88 15.04 -16.87
N LEU B 23 6.51 14.74 -18.00
CA LEU B 23 7.95 14.85 -18.12
C LEU B 23 8.41 16.31 -17.96
N ASP B 24 7.65 17.24 -18.52
CA ASP B 24 7.99 18.66 -18.44
C ASP B 24 7.83 19.21 -17.03
N ALA B 25 6.99 18.56 -16.21
CA ALA B 25 6.72 19.03 -14.87
C ALA B 25 7.71 18.49 -13.85
N GLU B 26 8.66 17.68 -14.30
CA GLU B 26 9.61 17.03 -13.41
C GLU B 26 10.41 18.01 -12.57
N PRO B 27 10.40 17.82 -11.24
CA PRO B 27 11.16 18.65 -10.31
C PRO B 27 12.65 18.42 -10.51
N PRO B 28 13.49 19.37 -10.06
CA PRO B 28 14.94 19.18 -10.18
C PRO B 28 15.52 18.30 -9.07
N ILE B 29 16.70 17.75 -9.31
CA ILE B 29 17.44 17.04 -8.28
C ILE B 29 18.23 18.02 -7.42
N LEU B 30 17.84 18.17 -6.16
CA LEU B 30 18.48 19.13 -5.28
C LEU B 30 19.73 18.53 -4.66
N TYR B 31 20.57 19.39 -4.10
CA TYR B 31 21.78 18.95 -3.43
C TYR B 31 21.57 18.98 -1.92
N SER B 32 22.31 18.14 -1.22
CA SER B 32 22.31 18.19 0.24
C SER B 32 23.37 19.19 0.69
N GLU B 33 23.50 19.37 2.00
CA GLU B 33 24.55 20.21 2.53
C GLU B 33 25.62 19.34 3.17
N TYR B 34 25.77 18.13 2.64
CA TYR B 34 26.74 17.16 3.14
C TYR B 34 28.17 17.65 2.97
N ASP B 35 28.92 17.58 4.06
CA ASP B 35 30.33 17.92 4.03
C ASP B 35 31.16 16.71 4.43
N PRO B 36 31.99 16.20 3.50
CA PRO B 36 32.91 15.11 3.84
C PRO B 36 34.03 15.57 4.78
N THR B 37 34.13 16.89 4.97
CA THR B 37 34.99 17.45 5.99
C THR B 37 34.45 17.11 7.37
N ARG B 38 33.19 17.47 7.57
CA ARG B 38 32.54 17.34 8.87
C ARG B 38 32.30 15.89 9.24
N PRO B 39 32.70 15.51 10.46
CA PRO B 39 32.51 14.16 10.97
C PRO B 39 31.04 13.79 11.05
N PHE B 40 30.73 12.56 10.62
CA PHE B 40 29.34 12.12 10.59
C PHE B 40 28.83 11.78 11.99
N SER B 41 27.53 11.94 12.17
CA SER B 41 26.84 11.51 13.37
C SER B 41 25.40 11.23 13.00
N GLU B 42 24.73 10.39 13.79
CA GLU B 42 23.34 10.05 13.54
C GLU B 42 22.50 11.31 13.44
N ALA B 43 22.72 12.24 14.36
CA ALA B 43 21.97 13.50 14.40
C ALA B 43 22.22 14.36 13.16
N SER B 44 23.49 14.59 12.83
CA SER B 44 23.84 15.46 11.71
C SER B 44 23.38 14.87 10.38
N MET B 45 23.56 13.57 10.21
CA MET B 45 23.18 12.93 8.96
C MET B 45 21.66 12.97 8.78
N MET B 46 20.93 12.81 9.87
CA MET B 46 19.47 12.85 9.78
C MET B 46 19.00 14.27 9.47
N GLY B 47 19.70 15.25 10.03
CA GLY B 47 19.41 16.64 9.75
C GLY B 47 19.63 16.98 8.28
N LEU B 48 20.61 16.31 7.67
CA LEU B 48 20.86 16.47 6.25
C LEU B 48 19.69 15.96 5.42
N LEU B 49 19.14 14.82 5.82
CA LEU B 49 18.07 14.20 5.06
C LEU B 49 16.76 14.97 5.19
N THR B 50 16.44 15.41 6.42
CA THR B 50 15.21 16.15 6.67
C THR B 50 15.28 17.56 6.09
N ASN B 51 16.48 18.13 6.05
CA ASN B 51 16.68 19.41 5.36
C ASN B 51 16.42 19.27 3.86
N LEU B 52 17.02 18.23 3.27
CA LEU B 52 16.80 17.94 1.85
C LEU B 52 15.32 17.73 1.56
N ALA B 53 14.69 16.87 2.36
CA ALA B 53 13.27 16.55 2.22
C ALA B 53 12.42 17.82 2.25
N ASP B 54 12.68 18.71 3.21
CA ASP B 54 11.98 19.98 3.30
C ASP B 54 12.08 20.81 2.03
N ARG B 55 13.27 20.89 1.45
CA ARG B 55 13.46 21.68 0.22
C ARG B 55 12.80 21.00 -0.98
N GLU B 56 12.87 19.68 -1.05
CA GLU B 56 12.17 18.97 -2.11
C GLU B 56 10.66 19.19 -2.04
N LEU B 57 10.12 19.26 -0.83
CA LEU B 57 8.69 19.47 -0.61
C LEU B 57 8.15 20.69 -1.35
N VAL B 58 8.94 21.76 -1.35
CA VAL B 58 8.54 22.99 -2.02
C VAL B 58 8.39 22.76 -3.52
N HIS B 59 9.29 21.97 -4.10
CA HIS B 59 9.23 21.67 -5.53
C HIS B 59 8.08 20.71 -5.81
N MET B 60 7.85 19.78 -4.89
CA MET B 60 6.81 18.77 -5.08
C MET B 60 5.45 19.43 -5.17
N ILE B 61 5.22 20.41 -4.29
CA ILE B 61 3.96 21.14 -4.25
C ILE B 61 3.69 21.85 -5.57
N ASN B 62 4.72 22.46 -6.15
CA ASN B 62 4.57 23.12 -7.44
C ASN B 62 4.57 22.13 -8.60
N TRP B 63 5.15 20.96 -8.40
CA TRP B 63 5.05 19.88 -9.39
C TRP B 63 3.66 19.26 -9.40
N ALA B 64 3.04 19.18 -8.22
CA ALA B 64 1.70 18.62 -8.09
C ALA B 64 0.68 19.45 -8.88
N LYS B 65 0.86 20.77 -8.86
CA LYS B 65 -0.05 21.68 -9.56
C LYS B 65 0.01 21.51 -11.07
N ARG B 66 1.07 20.88 -11.57
CA ARG B 66 1.21 20.68 -13.00
C ARG B 66 0.81 19.26 -13.42
N VAL B 67 0.45 18.44 -12.44
CA VAL B 67 -0.08 17.11 -12.73
C VAL B 67 -1.51 17.28 -13.23
N PRO B 68 -1.80 16.74 -14.43
CA PRO B 68 -3.12 16.86 -15.05
C PRO B 68 -4.26 16.42 -14.13
N GLY B 69 -5.27 17.28 -13.98
CA GLY B 69 -6.42 16.97 -13.15
C GLY B 69 -6.31 17.47 -11.73
N PHE B 70 -5.08 17.59 -11.24
CA PHE B 70 -4.84 17.99 -9.86
C PHE B 70 -5.38 19.41 -9.55
N VAL B 71 -5.19 20.34 -10.48
CA VAL B 71 -5.61 21.72 -10.27
C VAL B 71 -7.14 21.83 -10.31
N ASP B 72 -7.79 20.84 -10.92
CA ASP B 72 -9.24 20.82 -11.02
C ASP B 72 -9.90 20.46 -9.69
N LEU B 73 -9.08 20.14 -8.69
CA LEU B 73 -9.58 19.76 -7.38
C LEU B 73 -9.69 20.96 -6.46
N THR B 74 -10.51 20.83 -5.42
CA THR B 74 -10.61 21.86 -4.41
C THR B 74 -9.26 22.02 -3.73
N LEU B 75 -9.04 23.18 -3.13
CA LEU B 75 -7.80 23.44 -2.41
C LEU B 75 -7.68 22.46 -1.26
N HIS B 76 -8.79 22.24 -0.56
CA HIS B 76 -8.84 21.34 0.58
C HIS B 76 -8.47 19.92 0.19
N ASP B 77 -8.95 19.47 -0.96
CA ASP B 77 -8.59 18.13 -1.47
C ASP B 77 -7.13 18.04 -1.88
N GLN B 78 -6.61 19.10 -2.51
CA GLN B 78 -5.19 19.14 -2.88
C GLN B 78 -4.33 18.96 -1.64
N VAL B 79 -4.66 19.70 -0.58
CA VAL B 79 -3.94 19.64 0.69
C VAL B 79 -3.94 18.21 1.25
N HIS B 80 -5.10 17.57 1.23
CA HIS B 80 -5.23 16.23 1.76
C HIS B 80 -4.38 15.24 0.97
N LEU B 81 -4.45 15.32 -0.36
CA LEU B 81 -3.70 14.41 -1.23
C LEU B 81 -2.20 14.46 -1.01
N LEU B 82 -1.67 15.67 -0.90
CA LEU B 82 -0.23 15.86 -0.67
C LEU B 82 0.17 15.38 0.72
N GLU B 83 -0.66 15.65 1.72
CA GLU B 83 -0.38 15.22 3.09
C GLU B 83 -0.29 13.70 3.19
N CYS B 84 -1.14 12.99 2.44
CA CYS B 84 -1.08 11.54 2.39
C CYS B 84 0.12 11.02 1.59
N ALA B 85 0.47 11.70 0.50
CA ALA B 85 1.38 11.11 -0.49
C ALA B 85 2.81 11.64 -0.52
N TRP B 86 3.10 12.74 0.18
CA TRP B 86 4.39 13.43 0.01
C TRP B 86 5.62 12.54 0.24
N LEU B 87 5.61 11.76 1.33
CA LEU B 87 6.77 10.93 1.64
C LEU B 87 6.86 9.77 0.66
N GLU B 88 5.72 9.21 0.29
CA GLU B 88 5.65 8.21 -0.78
C GLU B 88 6.31 8.72 -2.04
N ILE B 89 6.03 9.97 -2.38
CA ILE B 89 6.57 10.60 -3.59
C ILE B 89 8.07 10.88 -3.47
N LEU B 90 8.50 11.33 -2.28
CA LEU B 90 9.93 11.45 -2.02
C LEU B 90 10.61 10.09 -2.17
N MET B 91 9.99 9.05 -1.62
CA MET B 91 10.61 7.73 -1.62
C MET B 91 10.74 7.13 -3.02
N ILE B 92 9.71 7.26 -3.84
CA ILE B 92 9.79 6.73 -5.20
C ILE B 92 10.77 7.55 -6.05
N GLY B 93 10.88 8.85 -5.75
CA GLY B 93 11.87 9.70 -6.40
C GLY B 93 13.28 9.25 -6.04
N LEU B 94 13.47 8.93 -4.77
CA LEU B 94 14.76 8.43 -4.28
C LEU B 94 15.18 7.14 -4.97
N VAL B 95 14.29 6.15 -5.01
CA VAL B 95 14.64 4.85 -5.56
C VAL B 95 14.78 4.90 -7.07
N TRP B 96 14.19 5.92 -7.70
CA TRP B 96 14.30 6.09 -9.15
C TRP B 96 15.69 6.58 -9.55
N ARG B 97 16.21 7.57 -8.83
CA ARG B 97 17.53 8.09 -9.16
C ARG B 97 18.63 7.26 -8.52
N SER B 98 18.25 6.25 -7.74
CA SER B 98 19.22 5.34 -7.15
C SER B 98 19.42 4.07 -7.98
N MET B 99 18.63 3.93 -9.04
CA MET B 99 18.62 2.71 -9.86
C MET B 99 20.00 2.30 -10.35
N GLU B 100 20.72 3.23 -10.96
CA GLU B 100 22.04 2.95 -11.51
C GLU B 100 23.14 3.04 -10.45
N HIS B 101 22.75 2.86 -9.19
CA HIS B 101 23.73 2.81 -8.12
C HIS B 101 23.46 1.62 -7.19
N PRO B 102 23.69 0.39 -7.70
CA PRO B 102 23.34 -0.84 -6.98
C PRO B 102 23.96 -0.83 -5.59
N GLY B 103 23.14 -1.08 -4.58
CA GLY B 103 23.61 -1.08 -3.21
C GLY B 103 23.69 0.31 -2.61
N LYS B 104 23.36 1.33 -3.38
CA LYS B 104 23.48 2.71 -2.90
C LYS B 104 22.20 3.52 -3.09
N LEU B 105 21.96 4.43 -2.16
CA LEU B 105 20.80 5.32 -2.25
C LEU B 105 21.25 6.75 -2.53
N LEU B 106 20.91 7.26 -3.70
CA LEU B 106 21.31 8.61 -4.09
C LEU B 106 20.31 9.63 -3.58
N PHE B 107 20.46 10.02 -2.31
CA PHE B 107 19.61 11.07 -1.76
C PHE B 107 19.87 12.37 -2.49
N ALA B 108 21.14 12.62 -2.77
CA ALA B 108 21.57 13.79 -3.52
C ALA B 108 22.88 13.43 -4.25
N PRO B 109 23.20 14.14 -5.34
CA PRO B 109 24.42 13.83 -6.09
C PRO B 109 25.67 13.84 -5.21
N ASN B 110 25.64 14.61 -4.13
CA ASN B 110 26.76 14.65 -3.19
C ASN B 110 26.48 13.85 -1.92
N LEU B 111 25.33 13.18 -1.89
CA LEU B 111 24.99 12.34 -0.74
C LEU B 111 24.52 10.97 -1.20
N LEU B 112 25.47 10.06 -1.36
CA LEU B 112 25.19 8.71 -1.86
C LEU B 112 25.51 7.68 -0.79
N LEU B 113 24.48 6.99 -0.29
CA LEU B 113 24.66 6.13 0.88
C LEU B 113 24.53 4.63 0.59
N ASP B 114 25.47 3.84 1.12
CA ASP B 114 25.49 2.40 0.88
C ASP B 114 24.73 1.64 1.96
N ARG B 115 24.24 2.36 2.94
CA ARG B 115 23.58 1.77 4.10
C ARG B 115 24.49 0.84 4.90
N ASN B 116 25.78 1.19 4.98
CA ASN B 116 26.54 0.90 6.18
C ASN B 116 26.00 1.89 7.19
N GLN B 117 25.42 2.96 6.64
CA GLN B 117 24.52 3.86 7.35
C GLN B 117 23.06 3.50 7.05
N CYS B 120 26.56 4.66 10.99
CA CYS B 120 25.16 4.34 10.70
C CYS B 120 24.17 5.11 11.59
N VAL B 121 22.88 4.87 11.38
CA VAL B 121 21.83 5.51 12.18
C VAL B 121 20.73 4.51 12.52
N GLU B 122 19.92 4.89 13.49
CA GLU B 122 19.22 4.00 14.34
C GLU B 122 17.86 3.78 13.72
N GLY B 123 17.48 2.53 13.53
CA GLY B 123 16.11 2.23 13.15
C GLY B 123 15.89 2.40 11.66
N MET B 124 16.93 2.77 10.93
CA MET B 124 16.76 3.09 9.53
C MET B 124 17.34 2.06 8.62
N VAL B 125 17.92 1.06 9.20
CA VAL B 125 18.50 -0.07 8.47
C VAL B 125 17.46 -0.74 7.58
N GLU B 126 16.30 -1.05 8.16
CA GLU B 126 15.28 -1.85 7.48
C GLU B 126 14.81 -1.25 6.16
N ILE B 127 15.09 0.03 5.98
CA ILE B 127 14.44 0.77 4.89
C ILE B 127 15.35 1.01 3.72
N PHE B 128 16.56 1.39 4.08
CA PHE B 128 17.63 1.43 3.11
C PHE B 128 17.55 0.09 2.39
N ASP B 129 17.47 -1.00 3.15
CA ASP B 129 17.23 -2.32 2.56
C ASP B 129 15.96 -2.37 1.71
N MET B 130 14.85 -1.86 2.25
CA MET B 130 13.59 -1.90 1.50
C MET B 130 13.63 -0.94 0.32
N LEU B 131 14.23 0.23 0.52
CA LEU B 131 14.38 1.18 -0.58
C LEU B 131 15.33 0.62 -1.64
N LEU B 132 16.41 -0.04 -1.19
CA LEU B 132 17.35 -0.68 -2.10
C LEU B 132 16.68 -1.79 -2.89
N ALA B 133 15.86 -2.59 -2.22
CA ALA B 133 15.12 -3.67 -2.87
C ALA B 133 14.19 -3.12 -3.95
N THR B 134 13.51 -2.02 -3.63
CA THR B 134 12.61 -1.37 -4.58
C THR B 134 13.42 -0.81 -5.75
N SER B 135 14.55 -0.19 -5.44
CA SER B 135 15.41 0.39 -6.46
C SER B 135 15.94 -0.68 -7.41
N SER B 136 16.46 -1.76 -6.85
CA SER B 136 16.94 -2.89 -7.65
C SER B 136 15.81 -3.53 -8.44
N ARG B 137 14.63 -3.60 -7.82
CA ARG B 137 13.45 -4.14 -8.51
C ARG B 137 13.14 -3.34 -9.78
N PHE B 138 13.11 -2.02 -9.66
CA PHE B 138 12.97 -1.14 -10.81
C PHE B 138 14.05 -1.38 -11.87
N ARG B 139 15.28 -1.65 -11.40
CA ARG B 139 16.40 -1.86 -12.31
C ARG B 139 16.23 -3.13 -13.13
N MET B 140 15.78 -4.21 -12.48
CA MET B 140 15.51 -5.47 -13.17
C MET B 140 14.39 -5.37 -14.18
N MET B 141 13.35 -4.61 -13.84
CA MET B 141 12.24 -4.37 -14.75
C MET B 141 12.62 -3.39 -15.86
N ASN B 142 13.78 -2.76 -15.70
CA ASN B 142 14.21 -1.69 -16.58
C ASN B 142 13.12 -0.63 -16.72
N LEU B 143 12.71 -0.08 -15.58
CA LEU B 143 11.70 0.96 -15.54
C LEU B 143 12.11 2.16 -16.41
N GLN B 144 11.18 2.70 -17.19
CA GLN B 144 11.45 3.87 -18.00
C GLN B 144 11.03 5.15 -17.29
N GLY B 145 11.65 6.27 -17.65
CA GLY B 145 11.31 7.56 -17.08
C GLY B 145 9.85 7.92 -17.33
N GLU B 146 9.36 7.51 -18.50
CA GLU B 146 7.97 7.74 -18.87
C GLU B 146 7.02 6.95 -17.98
N GLU B 147 7.42 5.74 -17.63
CA GLU B 147 6.63 4.91 -16.71
C GLU B 147 6.73 5.45 -15.29
N PHE B 148 7.90 5.93 -14.93
CA PHE B 148 8.14 6.48 -13.61
C PHE B 148 7.21 7.66 -13.29
N VAL B 149 7.16 8.64 -14.19
CA VAL B 149 6.36 9.84 -13.97
C VAL B 149 4.87 9.50 -13.90
N CYS B 150 4.47 8.43 -14.60
CA CYS B 150 3.12 7.91 -14.47
C CYS B 150 2.88 7.39 -13.05
N LEU B 151 3.76 6.49 -12.59
CA LEU B 151 3.65 5.94 -11.24
C LEU B 151 3.55 7.02 -10.18
N LYS B 152 4.42 8.02 -10.29
CA LYS B 152 4.45 9.10 -9.32
C LYS B 152 3.11 9.85 -9.28
N SER B 153 2.58 10.17 -10.45
CA SER B 153 1.29 10.85 -10.54
C SER B 153 0.15 10.00 -9.97
N ILE B 154 0.25 8.68 -10.17
CA ILE B 154 -0.72 7.74 -9.64
C ILE B 154 -0.73 7.81 -8.11
N ILE B 155 0.46 7.85 -7.52
CA ILE B 155 0.58 7.92 -6.07
C ILE B 155 -0.05 9.19 -5.51
N LEU B 156 0.19 10.31 -6.18
CA LEU B 156 -0.39 11.59 -5.77
C LEU B 156 -1.91 11.52 -5.67
N LEU B 157 -2.54 11.01 -6.73
CA LEU B 157 -3.99 10.97 -6.82
C LEU B 157 -4.60 9.82 -6.02
N ASN B 158 -3.88 8.71 -5.89
CA ASN B 158 -4.44 7.51 -5.28
C ASN B 158 -4.29 7.41 -3.76
N SER B 159 -3.17 7.86 -3.22
CA SER B 159 -2.85 7.60 -1.82
C SER B 159 -3.83 8.22 -0.82
N GLY B 160 -4.48 9.31 -1.23
CA GLY B 160 -5.40 10.00 -0.36
C GLY B 160 -6.86 9.90 -0.76
N VAL B 161 -7.16 9.14 -1.80
CA VAL B 161 -8.51 9.09 -2.34
C VAL B 161 -9.52 8.41 -1.39
N TYR B 162 -9.06 7.45 -0.59
CA TYR B 162 -10.00 6.66 0.22
C TYR B 162 -10.02 7.10 1.68
N THR B 163 -9.59 8.34 1.91
CA THR B 163 -9.74 8.97 3.22
C THR B 163 -10.25 10.40 3.06
N PHE B 164 -10.82 10.69 1.89
CA PHE B 164 -11.21 12.04 1.53
C PHE B 164 -12.66 12.33 1.93
N LYS B 170 -20.69 15.48 1.65
CA LYS B 170 -20.44 14.52 0.59
C LYS B 170 -21.21 14.86 -0.69
N SER B 171 -20.60 15.68 -1.54
CA SER B 171 -20.75 15.48 -2.97
C SER B 171 -19.43 15.10 -3.68
N LEU B 172 -19.52 14.01 -4.43
CA LEU B 172 -18.53 12.95 -4.41
C LEU B 172 -17.80 12.91 -5.74
N GLU B 173 -18.06 13.90 -6.58
CA GLU B 173 -17.77 13.77 -7.99
C GLU B 173 -16.37 14.28 -8.19
N GLU B 174 -15.83 14.87 -7.14
CA GLU B 174 -14.38 15.04 -7.08
C GLU B 174 -13.67 13.69 -7.00
N LYS B 175 -14.27 12.75 -6.27
CA LYS B 175 -13.76 11.39 -6.21
C LYS B 175 -13.84 10.73 -7.57
N ASP B 176 -14.96 10.90 -8.27
CA ASP B 176 -15.12 10.34 -9.60
C ASP B 176 -14.15 10.93 -10.61
N HIS B 177 -13.97 12.24 -10.56
CA HIS B 177 -13.04 12.90 -11.47
C HIS B 177 -11.63 12.35 -11.30
N ILE B 178 -11.20 12.18 -10.04
CA ILE B 178 -9.89 11.62 -9.75
C ILE B 178 -9.75 10.21 -10.34
N HIS B 179 -10.75 9.38 -10.13
CA HIS B 179 -10.75 8.03 -10.70
C HIS B 179 -10.71 8.07 -12.23
N ARG B 180 -11.41 9.06 -12.81
CA ARG B 180 -11.37 9.23 -14.26
C ARG B 180 -9.96 9.58 -14.73
N VAL B 181 -9.26 10.36 -13.92
CA VAL B 181 -7.88 10.73 -14.24
C VAL B 181 -6.96 9.53 -14.07
N LEU B 182 -7.17 8.77 -13.01
CA LEU B 182 -6.40 7.56 -12.76
C LEU B 182 -6.51 6.55 -13.90
N ASP B 183 -7.74 6.33 -14.36
CA ASP B 183 -7.99 5.50 -15.53
C ASP B 183 -7.22 6.01 -16.74
N LYS B 184 -7.25 7.32 -16.95
CA LYS B 184 -6.52 7.93 -18.06
C LYS B 184 -5.01 7.63 -17.97
N ILE B 185 -4.48 7.64 -16.76
CA ILE B 185 -3.05 7.35 -16.57
C ILE B 185 -2.77 5.87 -16.78
N THR B 186 -3.71 5.02 -16.36
CA THR B 186 -3.60 3.60 -16.66
C THR B 186 -3.49 3.37 -18.17
N ASP B 187 -4.30 4.10 -18.93
CA ASP B 187 -4.28 4.02 -20.38
C ASP B 187 -2.90 4.41 -20.91
N THR B 188 -2.33 5.45 -20.31
CA THR B 188 -1.05 5.98 -20.73
C THR B 188 0.08 4.99 -20.46
N LEU B 189 0.01 4.28 -19.34
CA LEU B 189 0.99 3.24 -19.01
C LEU B 189 0.97 2.07 -19.99
N ILE B 190 -0.22 1.61 -20.33
CA ILE B 190 -0.36 0.53 -21.30
C ILE B 190 0.15 1.01 -22.66
N HIS B 191 -0.25 2.22 -23.04
CA HIS B 191 0.17 2.84 -24.29
C HIS B 191 1.68 2.76 -24.45
N LEU B 192 2.40 3.05 -23.37
CA LEU B 192 3.86 3.01 -23.36
C LEU B 192 4.38 1.58 -23.52
N MET B 193 3.79 0.64 -22.78
CA MET B 193 4.25 -0.75 -22.81
C MET B 193 4.01 -1.41 -24.18
N ALA B 194 2.88 -1.08 -24.80
CA ALA B 194 2.62 -1.57 -26.15
C ALA B 194 3.62 -0.96 -27.12
N LYS B 195 3.95 0.31 -26.88
CA LYS B 195 4.87 1.05 -27.75
C LYS B 195 6.28 0.46 -27.63
N ALA B 196 6.55 -0.21 -26.51
CA ALA B 196 7.86 -0.80 -26.28
C ALA B 196 7.95 -2.23 -26.82
N GLY B 197 6.90 -2.67 -27.51
CA GLY B 197 6.92 -3.97 -28.16
C GLY B 197 6.37 -5.13 -27.33
N LEU B 198 5.87 -4.82 -26.14
CA LEU B 198 5.34 -5.86 -25.26
C LEU B 198 4.02 -6.45 -25.78
N THR B 199 3.85 -7.75 -25.65
CA THR B 199 2.58 -8.38 -25.99
C THR B 199 1.53 -7.97 -24.96
N LEU B 200 0.27 -8.27 -25.27
CA LEU B 200 -0.86 -7.93 -24.41
C LEU B 200 -0.70 -8.53 -23.01
N GLN B 201 -0.37 -9.82 -22.97
CA GLN B 201 -0.11 -10.52 -21.71
C GLN B 201 1.01 -9.83 -20.94
N GLN B 202 2.06 -9.45 -21.66
CA GLN B 202 3.21 -8.79 -21.06
C GLN B 202 2.87 -7.42 -20.49
N GLN B 203 1.99 -6.69 -21.18
CA GLN B 203 1.59 -5.36 -20.73
C GLN B 203 0.83 -5.43 -19.42
N HIS B 204 -0.16 -6.32 -19.36
CA HIS B 204 -0.95 -6.51 -18.15
C HIS B 204 -0.06 -6.89 -16.98
N GLN B 205 0.86 -7.83 -17.22
CA GLN B 205 1.78 -8.29 -16.20
C GLN B 205 2.66 -7.16 -15.67
N ARG B 206 3.28 -6.42 -16.58
CA ARG B 206 4.12 -5.29 -16.21
C ARG B 206 3.31 -4.23 -15.45
N LEU B 207 2.11 -3.93 -15.97
CA LEU B 207 1.19 -3.00 -15.30
C LEU B 207 0.93 -3.44 -13.86
N ALA B 208 0.62 -4.72 -13.66
CA ALA B 208 0.38 -5.26 -12.33
C ALA B 208 1.62 -5.16 -11.44
N GLN B 209 2.75 -5.63 -11.97
CA GLN B 209 4.03 -5.56 -11.25
C GLN B 209 4.34 -4.15 -10.72
N LEU B 210 4.05 -3.15 -11.52
CA LEU B 210 4.33 -1.77 -11.15
C LEU B 210 3.43 -1.30 -10.01
N LEU B 211 2.15 -1.64 -10.10
CA LEU B 211 1.20 -1.18 -9.11
C LEU B 211 1.37 -1.90 -7.77
N LEU B 212 1.83 -3.15 -7.83
CA LEU B 212 2.07 -3.90 -6.59
C LEU B 212 3.21 -3.29 -5.79
N ILE B 213 4.21 -2.76 -6.48
CA ILE B 213 5.33 -2.09 -5.83
C ILE B 213 4.85 -0.88 -5.04
N LEU B 214 3.79 -0.23 -5.52
CA LEU B 214 3.18 0.88 -4.80
C LEU B 214 2.66 0.48 -3.42
N SER B 215 2.29 -0.79 -3.24
CA SER B 215 1.91 -1.27 -1.91
C SER B 215 3.11 -1.19 -0.96
N HIS B 216 4.28 -1.57 -1.44
CA HIS B 216 5.49 -1.55 -0.63
C HIS B 216 5.94 -0.14 -0.33
N ILE B 217 5.74 0.75 -1.29
CA ILE B 217 6.03 2.15 -1.09
C ILE B 217 5.09 2.73 -0.04
N ARG B 218 3.80 2.42 -0.14
CA ARG B 218 2.86 2.79 0.92
C ARG B 218 3.34 2.30 2.28
N HIS B 219 3.81 1.06 2.30
CA HIS B 219 4.28 0.42 3.52
C HIS B 219 5.51 1.12 4.08
N MET B 220 6.44 1.45 3.18
CA MET B 220 7.65 2.17 3.56
C MET B 220 7.31 3.55 4.12
N SER B 221 6.39 4.24 3.45
CA SER B 221 5.95 5.55 3.91
C SER B 221 5.31 5.50 5.30
N ASN B 222 4.44 4.51 5.53
CA ASN B 222 3.82 4.34 6.84
C ASN B 222 4.86 4.24 7.94
N LYS B 223 5.86 3.38 7.72
CA LYS B 223 6.97 3.27 8.66
C LYS B 223 7.70 4.59 8.78
N GLY B 224 7.80 5.29 7.65
CA GLY B 224 8.44 6.59 7.61
C GLY B 224 7.83 7.58 8.59
N MET B 225 6.51 7.72 8.54
CA MET B 225 5.81 8.63 9.43
C MET B 225 6.04 8.24 10.88
N GLU B 226 6.05 6.94 11.16
CA GLU B 226 6.31 6.44 12.50
C GLU B 226 7.63 6.97 13.06
N HIS B 227 8.72 6.74 12.31
CA HIS B 227 10.04 7.16 12.78
C HIS B 227 10.12 8.67 12.92
N LEU B 228 9.49 9.39 11.99
CA LEU B 228 9.47 10.85 12.02
C LEU B 228 8.85 11.38 13.30
N TYR B 229 7.80 10.71 13.76
CA TYR B 229 7.16 11.05 15.02
C TYR B 229 8.16 10.93 16.18
N SER B 230 8.87 9.82 16.23
CA SER B 230 9.84 9.59 17.30
C SER B 230 10.97 10.60 17.25
N MET B 231 11.43 10.90 16.04
CA MET B 231 12.47 11.91 15.84
C MET B 231 12.02 13.26 16.38
N LYS B 232 10.78 13.61 16.12
CA LYS B 232 10.20 14.83 16.65
C LYS B 232 10.21 14.84 18.18
N CYS B 233 9.70 13.76 18.78
CA CYS B 233 9.58 13.68 20.24
C CYS B 233 10.93 13.58 20.94
N LYS B 234 11.93 13.07 20.23
CA LYS B 234 13.28 12.99 20.79
C LYS B 234 13.95 14.35 20.69
N ASN B 235 13.38 15.23 19.87
CA ASN B 235 13.75 16.64 19.80
C ASN B 235 15.24 16.90 19.63
N VAL B 236 15.90 16.09 18.82
CA VAL B 236 17.32 16.27 18.52
C VAL B 236 17.49 16.72 17.07
N VAL B 237 17.02 15.89 16.15
CA VAL B 237 17.07 16.22 14.72
C VAL B 237 16.07 17.33 14.40
N PRO B 238 16.56 18.45 13.85
CA PRO B 238 15.72 19.60 13.53
C PRO B 238 14.70 19.30 12.43
N LEU B 239 13.44 19.62 12.70
CA LEU B 239 12.36 19.41 11.72
C LEU B 239 11.75 20.75 11.35
N SER B 240 11.63 21.01 10.05
CA SER B 240 11.10 22.28 9.56
C SER B 240 9.63 22.39 9.89
N ASP B 241 9.10 23.62 9.83
CA ASP B 241 7.70 23.86 10.14
C ASP B 241 6.75 23.13 9.19
N LEU B 242 7.08 23.11 7.91
CA LEU B 242 6.26 22.41 6.93
C LEU B 242 6.24 20.91 7.20
N LEU B 243 7.39 20.35 7.54
CA LEU B 243 7.49 18.92 7.82
C LEU B 243 6.67 18.55 9.06
N LEU B 244 6.73 19.40 10.08
CA LEU B 244 5.97 19.18 11.30
C LEU B 244 4.46 19.22 11.04
N GLU B 245 4.04 20.12 10.16
CA GLU B 245 2.63 20.23 9.82
C GLU B 245 2.13 19.01 9.03
N MET B 246 2.94 18.52 8.10
CA MET B 246 2.60 17.31 7.35
C MET B 246 2.50 16.15 8.33
N LEU B 247 3.44 16.11 9.25
CA LEU B 247 3.49 15.04 10.25
C LEU B 247 2.26 15.07 11.15
N ASP B 248 1.81 16.27 11.50
CA ASP B 248 0.60 16.42 12.31
C ASP B 248 -0.62 15.94 11.54
N ALA B 249 -0.60 16.12 10.23
CA ALA B 249 -1.69 15.67 9.38
C ALA B 249 -1.89 14.16 9.48
N HIS B 250 -0.80 13.41 9.58
CA HIS B 250 -0.88 11.96 9.62
C HIS B 250 -1.31 11.43 10.98
N ARG B 251 -0.94 12.12 12.05
CA ARG B 251 -1.46 11.75 13.36
C ARG B 251 -2.92 12.19 13.44
N HIS C 2 9.23 -22.65 19.86
CA HIS C 2 9.81 -21.65 18.97
C HIS C 2 8.74 -20.71 18.42
N LYS C 3 7.99 -21.17 17.42
CA LYS C 3 6.90 -20.39 16.87
C LYS C 3 5.66 -21.23 16.64
N ILE C 4 4.53 -20.77 17.17
CA ILE C 4 3.24 -21.40 16.97
C ILE C 4 2.96 -21.51 15.48
N LEU C 5 3.30 -20.45 14.76
CA LEU C 5 3.11 -20.38 13.31
C LEU C 5 3.86 -21.50 12.58
N HIS C 6 5.02 -21.87 13.10
CA HIS C 6 5.79 -22.98 12.53
C HIS C 6 5.01 -24.29 12.63
N ARG C 7 4.44 -24.55 13.81
CA ARG C 7 3.70 -25.78 14.05
C ARG C 7 2.47 -25.88 13.16
N LEU C 8 1.73 -24.77 13.07
CA LEU C 8 0.49 -24.74 12.31
C LEU C 8 0.74 -24.93 10.82
N LEU C 9 1.88 -24.41 10.33
CA LEU C 9 2.22 -24.53 8.92
C LEU C 9 2.69 -25.93 8.55
N GLN C 10 3.22 -26.66 9.53
CA GLN C 10 3.68 -28.02 9.29
C GLN C 10 2.55 -29.03 9.46
N ASP C 11 1.53 -28.65 10.23
CA ASP C 11 0.36 -29.51 10.44
C ASP C 11 -0.67 -29.32 9.33
N HIS D 2 -4.31 28.60 5.99
CA HIS D 2 -3.76 28.56 7.34
C HIS D 2 -2.52 27.68 7.42
N LYS D 3 -2.62 26.46 6.91
CA LYS D 3 -1.46 25.58 6.82
C LYS D 3 -0.45 26.10 5.79
N ILE D 4 0.82 25.79 6.00
CA ILE D 4 1.85 26.15 5.04
C ILE D 4 1.56 25.53 3.68
N LEU D 5 1.25 24.24 3.70
CA LEU D 5 0.90 23.51 2.48
C LEU D 5 -0.29 24.18 1.78
N HIS D 6 -1.23 24.66 2.57
CA HIS D 6 -2.39 25.36 2.06
C HIS D 6 -1.98 26.65 1.33
N ARG D 7 -1.12 27.44 1.96
CA ARG D 7 -0.71 28.73 1.41
C ARG D 7 0.11 28.55 0.14
N LEU D 8 1.05 27.62 0.16
CA LEU D 8 1.88 27.33 -1.01
C LEU D 8 1.01 26.86 -2.17
N LEU D 9 0.11 25.93 -1.88
CA LEU D 9 -0.85 25.46 -2.88
C LEU D 9 -1.71 26.62 -3.37
N GLN D 10 -2.05 27.54 -2.47
CA GLN D 10 -2.93 28.65 -2.79
C GLN D 10 -2.21 29.68 -3.65
N ASP D 11 -0.90 29.79 -3.46
CA ASP D 11 -0.09 30.76 -4.18
C ASP D 11 -0.16 30.55 -5.69
#